data_4WV6
#
_entry.id   4WV6
#
_cell.length_a   54.270
_cell.length_b   77.720
_cell.length_c   128.570
_cell.angle_alpha   90.00
_cell.angle_beta   90.00
_cell.angle_gamma   90.00
#
_symmetry.space_group_name_H-M   'P 21 21 21'
#
loop_
_entity.id
_entity.type
_entity.pdbx_description
1 polymer 'Importin subunit alpha-1'
2 polymer 'Transcription initiation factor TFIID subunit 8'
3 non-polymer 1,2-ETHANEDIOL
4 water water
#
loop_
_entity_poly.entity_id
_entity_poly.type
_entity_poly.pdbx_seq_one_letter_code
_entity_poly.pdbx_strand_id
1 'polypeptide(L)'
;GATSPLQENRNNQGTVNWSVDDIVKGINSSNVENQLQATQAARKLLSREKQPPIDNIIRAGLIPKFVSFLGRTDCSPIQF
ESAWALTNIASGTSEQTKAVVDGGAIPAFISLLASPHAHISEQAVWALGNIAGDGSVFRDLVIKYGAVDPLLALLAVPDM
SSLACGYLRNLTWTLSNLCRNKNPAPPIDAVEQILPTLVRLLHHDDPEVLADTCWAISYLTDGPNERIGMVVKTGVVPQL
VKLLGASELPIVTPALRAIGNIVTGTDEQTQVVIDAGALAVFPSLLTNPKTNIQKEATWTMSNITAGRQDQIQQVVNHGL
VPFLVSVLSKADFKTQKEAVWAVTNYTSGGTVEQIVYLVHCGIIEPLMNLLTAKDTKIILVILDAISNIFQAAEKLGETE
KLSIMIEECGGLDKIEALQNHENESVYKASLSLIEKYFSVEEEEDQNVVPETTSEGYTFQVQDGAPGTFNF
;
A
2 'polypeptide(L)' PVKKPKIRRKKSLS B,C
#
# COMPACT_ATOMS: atom_id res chain seq x y z
N GLY A 14 20.32 -33.74 9.05
CA GLY A 14 20.51 -32.75 8.00
C GLY A 14 21.45 -33.23 6.91
N THR A 15 20.90 -33.79 5.84
CA THR A 15 21.70 -34.39 4.78
C THR A 15 21.59 -33.66 3.46
N VAL A 16 21.27 -32.37 3.50
CA VAL A 16 20.95 -31.65 2.28
C VAL A 16 22.17 -31.57 1.35
N ASN A 17 23.36 -31.47 1.92
CA ASN A 17 24.57 -31.32 1.09
C ASN A 17 24.81 -32.51 0.17
N TRP A 18 24.51 -33.71 0.65
CA TRP A 18 24.66 -34.90 -0.17
C TRP A 18 23.56 -34.97 -1.21
N SER A 19 22.37 -34.50 -0.85
CA SER A 19 21.28 -34.47 -1.82
C SER A 19 21.66 -33.52 -2.95
N VAL A 20 22.25 -32.38 -2.61
CA VAL A 20 22.68 -31.41 -3.61
C VAL A 20 23.79 -31.98 -4.49
N ASP A 21 24.76 -32.69 -3.90
CA ASP A 21 25.80 -33.32 -4.68
C ASP A 21 25.21 -34.30 -5.71
N ASP A 22 24.22 -35.07 -5.28
CA ASP A 22 23.56 -36.04 -6.16
C ASP A 22 22.84 -35.29 -7.29
N ILE A 23 22.21 -34.17 -6.96
CA ILE A 23 21.51 -33.34 -7.96
C ILE A 23 22.48 -32.84 -9.03
N VAL A 24 23.63 -32.35 -8.60
CA VAL A 24 24.65 -31.86 -9.53
C VAL A 24 25.08 -32.97 -10.48
N LYS A 25 25.32 -34.16 -9.94
CA LYS A 25 25.74 -35.28 -10.77
C LYS A 25 24.64 -35.63 -11.78
N GLY A 26 23.41 -35.68 -11.32
CA GLY A 26 22.29 -36.05 -12.17
C GLY A 26 22.05 -35.02 -13.24
N ILE A 27 22.15 -33.76 -12.87
CA ILE A 27 21.83 -32.69 -13.79
C ILE A 27 22.86 -32.61 -14.91
N ASN A 28 24.05 -33.17 -14.66
CA ASN A 28 25.11 -33.20 -15.67
C ASN A 28 25.12 -34.49 -16.50
N SER A 29 24.16 -35.37 -16.25
CA SER A 29 24.05 -36.60 -17.03
C SER A 29 23.63 -36.27 -18.45
N SER A 30 24.15 -37.03 -19.41
CA SER A 30 23.73 -36.87 -20.79
C SER A 30 22.39 -37.59 -21.02
N ASN A 31 21.93 -38.26 -19.96
CA ASN A 31 20.62 -38.92 -19.96
C ASN A 31 19.55 -37.95 -19.42
N VAL A 32 18.58 -37.62 -20.26
CA VAL A 32 17.62 -36.57 -19.90
C VAL A 32 16.71 -37.01 -18.76
N GLU A 33 16.46 -38.31 -18.64
CA GLU A 33 15.66 -38.80 -17.51
C GLU A 33 16.39 -38.57 -16.19
N ASN A 34 17.71 -38.74 -16.18
CA ASN A 34 18.50 -38.42 -14.99
C ASN A 34 18.49 -36.93 -14.67
N GLN A 35 18.59 -36.10 -15.71
CA GLN A 35 18.54 -34.66 -15.52
C GLN A 35 17.21 -34.24 -14.94
N LEU A 36 16.13 -34.78 -15.50
CA LEU A 36 14.79 -34.46 -15.01
C LEU A 36 14.64 -34.86 -13.54
N GLN A 37 15.08 -36.06 -13.19
CA GLN A 37 14.98 -36.52 -11.81
C GLN A 37 15.77 -35.63 -10.85
N ALA A 38 16.92 -35.16 -11.30
CA ALA A 38 17.72 -34.24 -10.50
C ALA A 38 16.99 -32.92 -10.32
N THR A 39 16.33 -32.43 -11.36
CA THR A 39 15.63 -31.15 -11.22
C THR A 39 14.40 -31.33 -10.33
N GLN A 40 13.74 -32.48 -10.43
CA GLN A 40 12.66 -32.85 -9.52
C GLN A 40 13.13 -32.79 -8.07
N ALA A 41 14.27 -33.41 -7.81
CA ALA A 41 14.83 -33.43 -6.47
C ALA A 41 15.17 -32.01 -5.99
N ALA A 42 15.69 -31.17 -6.88
CA ALA A 42 15.97 -29.77 -6.51
C ALA A 42 14.65 -29.05 -6.19
N ARG A 43 13.65 -29.26 -7.02
CA ARG A 43 12.35 -28.62 -6.81
C ARG A 43 11.75 -29.04 -5.46
N LYS A 44 11.87 -30.32 -5.12
CA LYS A 44 11.39 -30.81 -3.85
C LYS A 44 12.10 -30.14 -2.68
N LEU A 45 13.43 -30.05 -2.75
CA LEU A 45 14.19 -29.39 -1.69
C LEU A 45 13.74 -27.94 -1.52
N LEU A 46 13.51 -27.28 -2.65
CA LEU A 46 13.26 -25.85 -2.67
C LEU A 46 11.81 -25.55 -2.32
N SER A 47 10.97 -26.57 -2.28
CA SER A 47 9.56 -26.36 -1.94
C SER A 47 9.30 -26.78 -0.49
N ARG A 48 10.38 -27.01 0.26
CA ARG A 48 10.27 -27.21 1.69
C ARG A 48 9.83 -25.92 2.36
N GLU A 49 8.89 -26.01 3.29
CA GLU A 49 8.41 -24.83 3.99
C GLU A 49 9.48 -24.20 4.87
N LYS A 50 10.17 -25.06 5.63
CA LYS A 50 11.15 -24.61 6.61
C LYS A 50 12.54 -24.61 6.02
N GLN A 51 13.16 -23.43 5.97
CA GLN A 51 14.52 -23.22 5.49
C GLN A 51 14.88 -24.08 4.29
N PRO A 52 14.21 -23.81 3.15
CA PRO A 52 14.66 -24.48 1.92
C PRO A 52 16.10 -24.13 1.66
N PRO A 53 16.87 -25.08 1.10
CA PRO A 53 18.32 -24.87 0.97
C PRO A 53 18.69 -24.06 -0.26
N ILE A 54 18.20 -22.83 -0.31
CA ILE A 54 18.41 -21.99 -1.47
C ILE A 54 19.89 -21.70 -1.73
N ASP A 55 20.61 -21.26 -0.70
CA ASP A 55 22.01 -20.91 -0.89
C ASP A 55 22.85 -22.11 -1.32
N ASN A 56 22.51 -23.29 -0.81
CA ASN A 56 23.27 -24.50 -1.19
C ASN A 56 23.16 -24.74 -2.69
N ILE A 57 21.96 -24.52 -3.21
CA ILE A 57 21.65 -24.79 -4.59
C ILE A 57 22.35 -23.79 -5.47
N ILE A 58 22.35 -22.53 -5.04
CA ILE A 58 23.06 -21.47 -5.76
C ILE A 58 24.54 -21.74 -5.79
N ARG A 59 25.09 -22.07 -4.62
CA ARG A 59 26.52 -22.25 -4.49
C ARG A 59 26.99 -23.46 -5.30
N ALA A 60 26.08 -24.38 -5.56
CA ALA A 60 26.42 -25.57 -6.34
C ALA A 60 26.50 -25.27 -7.85
N GLY A 61 26.14 -24.05 -8.23
CA GLY A 61 26.26 -23.59 -9.61
C GLY A 61 25.10 -24.03 -10.48
N LEU A 62 23.95 -24.30 -9.87
CA LEU A 62 22.83 -24.89 -10.59
C LEU A 62 21.96 -23.89 -11.35
N ILE A 63 22.04 -22.59 -11.04
CA ILE A 63 21.10 -21.67 -11.66
C ILE A 63 21.27 -21.62 -13.20
N PRO A 64 22.51 -21.55 -13.70
CA PRO A 64 22.67 -21.60 -15.16
C PRO A 64 22.07 -22.85 -15.81
N LYS A 65 22.19 -24.00 -15.14
CA LYS A 65 21.59 -25.23 -15.63
C LYS A 65 20.07 -25.11 -15.68
N PHE A 66 19.48 -24.61 -14.59
CA PHE A 66 18.04 -24.42 -14.55
C PHE A 66 17.57 -23.48 -15.65
N VAL A 67 18.29 -22.40 -15.85
CA VAL A 67 17.88 -21.42 -16.85
C VAL A 67 17.94 -22.06 -18.25
N SER A 68 18.94 -22.89 -18.49
CA SER A 68 19.04 -23.56 -19.77
CA SER A 68 19.05 -23.57 -19.76
C SER A 68 17.84 -24.48 -19.97
N PHE A 69 17.42 -25.15 -18.91
CA PHE A 69 16.30 -26.09 -18.98
C PHE A 69 14.98 -25.37 -19.29
N LEU A 70 14.87 -24.12 -18.90
CA LEU A 70 13.67 -23.36 -19.23
C LEU A 70 13.43 -23.36 -20.73
N GLY A 71 14.51 -23.45 -21.52
CA GLY A 71 14.44 -23.40 -22.97
C GLY A 71 14.32 -24.74 -23.67
N ARG A 72 14.28 -25.81 -22.89
CA ARG A 72 14.26 -27.15 -23.45
C ARG A 72 12.87 -27.56 -23.88
N THR A 73 12.49 -27.11 -25.07
CA THR A 73 11.17 -27.36 -25.62
C THR A 73 10.97 -28.83 -25.87
N ASP A 74 12.07 -29.57 -26.01
CA ASP A 74 12.02 -31.02 -26.22
C ASP A 74 11.63 -31.78 -24.96
N CYS A 75 11.56 -31.11 -23.82
CA CYS A 75 11.25 -31.78 -22.57
C CYS A 75 10.46 -30.86 -21.66
N SER A 76 9.15 -30.76 -21.93
CA SER A 76 8.32 -29.85 -21.12
C SER A 76 8.38 -30.15 -19.60
N PRO A 77 8.52 -31.43 -19.21
CA PRO A 77 8.61 -31.62 -17.75
C PRO A 77 9.82 -30.92 -17.10
N ILE A 78 10.95 -30.85 -17.79
CA ILE A 78 12.13 -30.24 -17.18
C ILE A 78 12.04 -28.71 -17.22
N GLN A 79 11.31 -28.18 -18.21
CA GLN A 79 10.96 -26.76 -18.18
C GLN A 79 10.14 -26.45 -16.95
N PHE A 80 9.14 -27.28 -16.67
CA PHE A 80 8.31 -27.08 -15.50
C PHE A 80 9.10 -27.13 -14.19
N GLU A 81 9.91 -28.18 -14.03
CA GLU A 81 10.63 -28.39 -12.78
C GLU A 81 11.62 -27.26 -12.58
N SER A 82 12.31 -26.86 -13.64
CA SER A 82 13.30 -25.80 -13.52
CA SER A 82 13.28 -25.78 -13.56
C SER A 82 12.62 -24.45 -13.27
N ALA A 83 11.45 -24.23 -13.85
CA ALA A 83 10.73 -23.00 -13.64
C ALA A 83 10.31 -22.88 -12.17
N TRP A 84 9.87 -24.00 -11.59
CA TRP A 84 9.44 -24.03 -10.20
C TRP A 84 10.66 -23.83 -9.29
N ALA A 85 11.73 -24.54 -9.56
CA ALA A 85 12.96 -24.36 -8.76
C ALA A 85 13.39 -22.90 -8.75
N LEU A 86 13.47 -22.30 -9.92
CA LEU A 86 13.88 -20.90 -10.01
C LEU A 86 12.86 -19.94 -9.38
N THR A 87 11.57 -20.26 -9.49
CA THR A 87 10.54 -19.47 -8.80
C THR A 87 10.87 -19.36 -7.32
N ASN A 88 11.24 -20.49 -6.72
CA ASN A 88 11.42 -20.51 -5.28
C ASN A 88 12.76 -19.93 -4.87
N ILE A 89 13.78 -20.02 -5.70
CA ILE A 89 15.00 -19.29 -5.41
C ILE A 89 14.71 -17.79 -5.45
N ALA A 90 13.92 -17.36 -6.43
CA ALA A 90 13.64 -15.94 -6.61
C ALA A 90 12.73 -15.40 -5.51
N SER A 91 12.08 -16.30 -4.78
CA SER A 91 11.19 -15.92 -3.69
C SER A 91 11.98 -15.53 -2.44
N GLY A 92 13.29 -15.71 -2.50
CA GLY A 92 14.15 -15.52 -1.34
C GLY A 92 14.60 -14.08 -1.13
N THR A 93 15.78 -13.93 -0.55
CA THR A 93 16.38 -12.62 -0.33
C THR A 93 16.69 -11.91 -1.65
N SER A 94 17.03 -10.63 -1.56
CA SER A 94 17.41 -9.89 -2.75
C SER A 94 18.63 -10.51 -3.43
N GLU A 95 19.58 -11.00 -2.64
CA GLU A 95 20.79 -11.62 -3.18
C GLU A 95 20.40 -12.89 -3.96
N GLN A 96 19.41 -13.61 -3.43
CA GLN A 96 19.00 -14.86 -4.06
C GLN A 96 18.25 -14.56 -5.33
N THR A 97 17.37 -13.58 -5.28
CA THR A 97 16.66 -13.15 -6.48
C THR A 97 17.67 -12.67 -7.53
N LYS A 98 18.70 -11.94 -7.08
CA LYS A 98 19.71 -11.43 -8.00
C LYS A 98 20.45 -12.55 -8.72
N ALA A 99 20.69 -13.67 -8.04
CA ALA A 99 21.41 -14.78 -8.69
C ALA A 99 20.58 -15.32 -9.86
N VAL A 100 19.27 -15.32 -9.67
CA VAL A 100 18.34 -15.78 -10.70
C VAL A 100 18.37 -14.81 -11.88
N VAL A 101 18.28 -13.52 -11.60
CA VAL A 101 18.38 -12.49 -12.64
C VAL A 101 19.72 -12.56 -13.35
N ASP A 102 20.82 -12.60 -12.61
CA ASP A 102 22.15 -12.65 -13.23
C ASP A 102 22.37 -13.89 -14.09
N GLY A 103 21.60 -14.95 -13.82
CA GLY A 103 21.68 -16.17 -14.60
C GLY A 103 20.94 -16.08 -15.93
N GLY A 104 20.27 -14.95 -16.18
CA GLY A 104 19.57 -14.73 -17.43
C GLY A 104 18.13 -15.23 -17.44
N ALA A 105 17.55 -15.41 -16.26
CA ALA A 105 16.21 -15.99 -16.14
C ALA A 105 15.09 -15.13 -16.72
N ILE A 106 15.23 -13.81 -16.71
CA ILE A 106 14.09 -12.97 -17.06
C ILE A 106 13.63 -13.21 -18.50
N PRO A 107 14.52 -13.06 -19.49
CA PRO A 107 14.03 -13.32 -20.86
C PRO A 107 13.60 -14.77 -21.12
N ALA A 108 14.23 -15.74 -20.46
CA ALA A 108 13.80 -17.12 -20.56
C ALA A 108 12.37 -17.31 -20.03
N PHE A 109 12.05 -16.67 -18.91
CA PHE A 109 10.71 -16.77 -18.35
C PHE A 109 9.67 -16.06 -19.22
N ILE A 110 10.05 -14.93 -19.80
CA ILE A 110 9.15 -14.20 -20.69
C ILE A 110 8.83 -15.10 -21.90
N SER A 111 9.83 -15.80 -22.44
CA SER A 111 9.55 -16.73 -23.54
C SER A 111 8.57 -17.83 -23.14
N LEU A 112 8.64 -18.27 -21.91
CA LEU A 112 7.76 -19.34 -21.44
C LEU A 112 6.33 -18.91 -21.21
N LEU A 113 6.08 -17.61 -21.13
CA LEU A 113 4.71 -17.13 -21.04
C LEU A 113 3.86 -17.61 -22.22
N ALA A 114 4.51 -17.84 -23.37
CA ALA A 114 3.84 -18.28 -24.59
C ALA A 114 3.77 -19.79 -24.71
N SER A 115 4.19 -20.52 -23.68
CA SER A 115 4.14 -21.98 -23.72
C SER A 115 2.71 -22.46 -23.95
N PRO A 116 2.55 -23.54 -24.73
CA PRO A 116 1.20 -24.09 -24.91
C PRO A 116 0.75 -24.88 -23.68
N HIS A 117 1.66 -25.06 -22.74
CA HIS A 117 1.37 -25.75 -21.50
C HIS A 117 1.04 -24.73 -20.40
N ALA A 118 -0.22 -24.67 -20.00
CA ALA A 118 -0.66 -23.64 -19.05
C ALA A 118 0.08 -23.72 -17.73
N HIS A 119 0.41 -24.93 -17.29
CA HIS A 119 1.09 -25.05 -16.00
C HIS A 119 2.51 -24.49 -16.09
N ILE A 120 3.08 -24.49 -17.29
CA ILE A 120 4.42 -23.93 -17.45
C ILE A 120 4.38 -22.41 -17.60
N SER A 121 3.42 -21.92 -18.40
CA SER A 121 3.19 -20.50 -18.59
C SER A 121 2.94 -19.83 -17.25
N GLU A 122 2.09 -20.45 -16.45
CA GLU A 122 1.73 -19.89 -15.16
C GLU A 122 2.88 -19.96 -14.16
N GLN A 123 3.73 -20.98 -14.26
CA GLN A 123 4.91 -21.01 -13.40
C GLN A 123 5.86 -19.86 -13.72
N ALA A 124 5.96 -19.51 -15.01
CA ALA A 124 6.74 -18.35 -15.47
C ALA A 124 6.14 -17.05 -14.93
N VAL A 125 4.82 -16.97 -14.95
CA VAL A 125 4.12 -15.81 -14.37
C VAL A 125 4.56 -15.63 -12.92
N TRP A 126 4.53 -16.72 -12.17
CA TRP A 126 4.86 -16.71 -10.74
C TRP A 126 6.31 -16.25 -10.53
N ALA A 127 7.24 -16.84 -11.28
CA ALA A 127 8.64 -16.45 -11.13
C ALA A 127 8.84 -14.95 -11.40
N LEU A 128 8.20 -14.45 -12.46
CA LEU A 128 8.38 -13.05 -12.81
C LEU A 128 7.79 -12.13 -11.74
N GLY A 129 6.74 -12.59 -11.06
CA GLY A 129 6.15 -11.84 -9.95
C GLY A 129 7.14 -11.74 -8.81
N ASN A 130 7.86 -12.82 -8.55
CA ASN A 130 8.84 -12.78 -7.46
C ASN A 130 10.03 -11.89 -7.81
N ILE A 131 10.48 -11.97 -9.06
CA ILE A 131 11.58 -11.14 -9.50
C ILE A 131 11.19 -9.65 -9.44
N ALA A 132 10.04 -9.30 -10.01
CA ALA A 132 9.61 -7.89 -9.98
C ALA A 132 9.35 -7.41 -8.56
N GLY A 133 8.88 -8.31 -7.72
CA GLY A 133 8.55 -7.98 -6.35
C GLY A 133 9.76 -7.58 -5.52
N ASP A 134 10.96 -7.88 -6.02
CA ASP A 134 12.18 -7.55 -5.26
C ASP A 134 12.33 -6.07 -5.08
N GLY A 135 11.94 -5.31 -6.10
CA GLY A 135 12.09 -3.88 -6.04
C GLY A 135 12.09 -3.27 -7.42
N SER A 136 12.27 -1.96 -7.44
CA SER A 136 12.15 -1.18 -8.65
C SER A 136 13.13 -1.57 -9.74
N VAL A 137 14.37 -1.87 -9.36
CA VAL A 137 15.37 -2.23 -10.37
C VAL A 137 14.96 -3.51 -11.15
N PHE A 138 14.60 -4.57 -10.44
CA PHE A 138 14.24 -5.81 -11.11
C PHE A 138 12.84 -5.72 -11.75
N ARG A 139 11.95 -4.98 -11.12
CA ARG A 139 10.68 -4.64 -11.76
C ARG A 139 10.91 -4.06 -13.16
N ASP A 140 11.77 -3.05 -13.24
CA ASP A 140 11.98 -2.37 -14.50
C ASP A 140 12.70 -3.27 -15.50
N LEU A 141 13.53 -4.21 -15.02
CA LEU A 141 14.16 -5.14 -15.95
C LEU A 141 13.13 -6.07 -16.55
N VAL A 142 12.20 -6.51 -15.73
CA VAL A 142 11.14 -7.38 -16.20
C VAL A 142 10.31 -6.64 -17.27
N ILE A 143 10.04 -5.36 -17.04
CA ILE A 143 9.29 -4.55 -18.01
C ILE A 143 10.12 -4.34 -19.27
N LYS A 144 11.40 -4.03 -19.07
CA LYS A 144 12.29 -3.70 -20.18
C LYS A 144 12.43 -4.88 -21.15
N TYR A 145 12.45 -6.09 -20.60
CA TYR A 145 12.60 -7.30 -21.41
C TYR A 145 11.28 -7.73 -22.04
N GLY A 146 10.21 -6.98 -21.80
CA GLY A 146 8.98 -7.16 -22.55
C GLY A 146 7.93 -8.07 -21.91
N ALA A 147 7.86 -8.10 -20.59
CA ALA A 147 6.92 -8.99 -19.92
C ALA A 147 5.45 -8.54 -20.00
N VAL A 148 5.20 -7.24 -20.11
CA VAL A 148 3.86 -6.71 -19.89
C VAL A 148 2.87 -7.21 -20.93
N ASP A 149 3.23 -7.10 -22.20
CA ASP A 149 2.34 -7.51 -23.28
CA ASP A 149 2.33 -7.50 -23.28
C ASP A 149 1.92 -8.98 -23.16
N PRO A 150 2.89 -9.89 -23.06
CA PRO A 150 2.46 -11.29 -22.92
C PRO A 150 1.71 -11.60 -21.62
N LEU A 151 1.98 -10.89 -20.52
CA LEU A 151 1.20 -11.11 -19.30
C LEU A 151 -0.24 -10.66 -19.52
N LEU A 152 -0.40 -9.48 -20.11
CA LEU A 152 -1.73 -8.94 -20.37
C LEU A 152 -2.50 -9.81 -21.36
N ALA A 153 -1.78 -10.45 -22.28
CA ALA A 153 -2.43 -11.29 -23.28
C ALA A 153 -3.02 -12.55 -22.62
N LEU A 154 -2.34 -13.06 -21.60
CA LEU A 154 -2.87 -14.19 -20.84
C LEU A 154 -4.20 -13.82 -20.16
N LEU A 155 -4.37 -12.54 -19.85
CA LEU A 155 -5.59 -12.05 -19.19
C LEU A 155 -6.64 -11.55 -20.17
N ALA A 156 -6.29 -11.47 -21.45
CA ALA A 156 -7.19 -10.92 -22.45
C ALA A 156 -8.05 -12.02 -23.06
N VAL A 157 -8.89 -12.60 -22.22
CA VAL A 157 -9.87 -13.56 -22.66
C VAL A 157 -11.21 -12.88 -22.46
N PRO A 158 -12.22 -13.26 -23.24
CA PRO A 158 -13.53 -12.61 -23.07
C PRO A 158 -14.13 -12.83 -21.67
N ASP A 159 -14.00 -14.05 -21.16
CA ASP A 159 -14.50 -14.43 -19.85
C ASP A 159 -13.34 -14.76 -18.92
N MET A 160 -13.15 -13.96 -17.87
CA MET A 160 -12.08 -14.19 -16.91
C MET A 160 -12.34 -15.47 -16.10
N SER A 161 -13.61 -15.88 -16.03
CA SER A 161 -13.99 -17.11 -15.36
C SER A 161 -13.59 -18.35 -16.16
N SER A 162 -13.11 -18.14 -17.38
CA SER A 162 -12.57 -19.22 -18.20
C SER A 162 -11.17 -19.64 -17.74
N LEU A 163 -10.52 -18.81 -16.92
CA LEU A 163 -9.21 -19.09 -16.34
C LEU A 163 -9.34 -19.76 -14.96
N ALA A 164 -8.50 -20.75 -14.67
CA ALA A 164 -8.48 -21.34 -13.33
C ALA A 164 -8.26 -20.23 -12.29
N CYS A 165 -8.95 -20.31 -11.15
CA CYS A 165 -8.85 -19.27 -10.12
C CYS A 165 -7.40 -19.02 -9.74
N GLY A 166 -6.63 -20.10 -9.59
CA GLY A 166 -5.23 -19.98 -9.23
C GLY A 166 -4.44 -19.17 -10.24
N TYR A 167 -4.69 -19.43 -11.52
CA TYR A 167 -3.98 -18.75 -12.59
C TYR A 167 -4.30 -17.26 -12.61
N LEU A 168 -5.58 -16.92 -12.54
CA LEU A 168 -5.97 -15.53 -12.55
C LEU A 168 -5.41 -14.80 -11.32
N ARG A 169 -5.39 -15.48 -10.17
CA ARG A 169 -4.86 -14.85 -8.95
C ARG A 169 -3.36 -14.59 -9.12
N ASN A 170 -2.68 -15.56 -9.70
CA ASN A 170 -1.23 -15.41 -9.88
CA ASN A 170 -1.24 -15.50 -9.96
C ASN A 170 -0.90 -14.34 -10.90
N LEU A 171 -1.65 -14.25 -11.99
CA LEU A 171 -1.48 -13.13 -12.93
C LEU A 171 -1.74 -11.79 -12.29
N THR A 172 -2.79 -11.70 -11.47
CA THR A 172 -3.14 -10.42 -10.87
C THR A 172 -2.03 -10.00 -9.92
N TRP A 173 -1.54 -10.95 -9.13
CA TRP A 173 -0.50 -10.66 -8.16
C TRP A 173 0.78 -10.19 -8.87
N THR A 174 1.16 -10.90 -9.91
CA THR A 174 2.36 -10.51 -10.66
C THR A 174 2.17 -9.12 -11.27
N LEU A 175 0.98 -8.85 -11.83
CA LEU A 175 0.74 -7.50 -12.33
C LEU A 175 0.86 -6.47 -11.21
N SER A 176 0.39 -6.81 -10.02
CA SER A 176 0.46 -5.84 -8.93
C SER A 176 1.91 -5.54 -8.57
N ASN A 177 2.80 -6.52 -8.68
CA ASN A 177 4.21 -6.26 -8.37
C ASN A 177 4.87 -5.43 -9.48
N LEU A 178 4.37 -5.51 -10.70
CA LEU A 178 4.89 -4.63 -11.75
C LEU A 178 4.47 -3.17 -11.54
N CYS A 179 3.46 -2.94 -10.71
CA CYS A 179 2.97 -1.60 -10.37
C CYS A 179 3.57 -1.05 -9.09
N ARG A 180 4.32 -1.89 -8.37
CA ARG A 180 4.80 -1.60 -7.03
C ARG A 180 6.13 -0.84 -7.05
N ASN A 181 6.33 -0.09 -5.97
CA ASN A 181 7.59 0.56 -5.60
C ASN A 181 7.85 1.86 -6.32
N LYS A 182 8.78 2.62 -5.75
CA LYS A 182 9.13 3.96 -6.19
C LYS A 182 10.64 4.10 -6.29
N ASN A 183 11.09 5.31 -6.60
CA ASN A 183 12.51 5.61 -6.74
C ASN A 183 13.25 4.60 -7.62
N PRO A 184 12.82 4.48 -8.89
CA PRO A 184 11.72 5.21 -9.54
C PRO A 184 10.39 4.49 -9.50
N ALA A 185 9.30 5.23 -9.71
CA ALA A 185 8.02 4.63 -10.02
C ALA A 185 8.11 3.88 -11.36
N PRO A 186 7.15 2.98 -11.62
CA PRO A 186 7.18 2.23 -12.87
C PRO A 186 7.08 3.17 -14.07
N PRO A 187 7.66 2.79 -15.22
CA PRO A 187 7.62 3.64 -16.41
C PRO A 187 6.15 3.97 -16.74
N ILE A 188 5.89 5.22 -17.12
CA ILE A 188 4.52 5.66 -17.38
C ILE A 188 3.82 4.82 -18.45
N ASP A 189 4.55 4.48 -19.50
CA ASP A 189 3.95 3.75 -20.60
C ASP A 189 3.50 2.36 -20.13
N ALA A 190 4.25 1.75 -19.20
CA ALA A 190 3.86 0.46 -18.64
C ALA A 190 2.60 0.58 -17.81
N VAL A 191 2.53 1.63 -16.99
CA VAL A 191 1.34 1.87 -16.19
C VAL A 191 0.14 2.07 -17.11
N GLU A 192 0.30 2.87 -18.16
CA GLU A 192 -0.77 3.08 -19.13
C GLU A 192 -1.25 1.76 -19.75
N GLN A 193 -0.33 0.83 -19.99
CA GLN A 193 -0.70 -0.48 -20.55
C GLN A 193 -1.48 -1.35 -19.58
N ILE A 194 -1.08 -1.30 -18.33
CA ILE A 194 -1.60 -2.19 -17.32
C ILE A 194 -2.91 -1.71 -16.72
N LEU A 195 -3.08 -0.40 -16.62
CA LEU A 195 -4.17 0.16 -15.83
C LEU A 195 -5.57 -0.31 -16.30
N PRO A 196 -5.79 -0.35 -17.61
CA PRO A 196 -7.15 -0.73 -18.04
C PRO A 196 -7.52 -2.17 -17.60
N THR A 197 -6.53 -3.04 -17.54
CA THR A 197 -6.72 -4.40 -17.04
C THR A 197 -7.03 -4.38 -15.54
N LEU A 198 -6.35 -3.52 -14.79
CA LEU A 198 -6.65 -3.41 -13.37
C LEU A 198 -8.08 -2.94 -13.17
N VAL A 199 -8.52 -1.99 -13.97
CA VAL A 199 -9.88 -1.47 -13.85
C VAL A 199 -10.89 -2.60 -14.10
N ARG A 200 -10.63 -3.40 -15.14
CA ARG A 200 -11.48 -4.56 -15.42
C ARG A 200 -11.50 -5.52 -14.25
N LEU A 201 -10.32 -5.82 -13.69
CA LEU A 201 -10.20 -6.79 -12.60
C LEU A 201 -10.90 -6.32 -11.32
N LEU A 202 -11.02 -5.02 -11.14
CA LEU A 202 -11.66 -4.49 -9.93
C LEU A 202 -13.15 -4.80 -9.86
N HIS A 203 -13.70 -5.30 -10.97
CA HIS A 203 -15.11 -5.66 -11.02
C HIS A 203 -15.27 -7.17 -10.96
N HIS A 204 -14.17 -7.89 -10.75
CA HIS A 204 -14.23 -9.35 -10.64
C HIS A 204 -14.85 -9.71 -9.30
N ASP A 205 -15.26 -10.97 -9.14
CA ASP A 205 -15.90 -11.36 -7.89
C ASP A 205 -14.99 -12.16 -6.95
N ASP A 206 -13.77 -12.50 -7.37
CA ASP A 206 -12.87 -13.25 -6.49
C ASP A 206 -12.18 -12.34 -5.45
N PRO A 207 -12.29 -12.68 -4.15
CA PRO A 207 -11.75 -11.73 -3.17
C PRO A 207 -10.23 -11.54 -3.26
N GLU A 208 -9.48 -12.56 -3.65
CA GLU A 208 -8.02 -12.42 -3.69
C GLU A 208 -7.60 -11.58 -4.87
N VAL A 209 -8.27 -11.77 -6.00
CA VAL A 209 -8.07 -10.92 -7.17
C VAL A 209 -8.40 -9.47 -6.83
N LEU A 210 -9.51 -9.26 -6.12
CA LEU A 210 -9.91 -7.91 -5.77
C LEU A 210 -8.87 -7.29 -4.85
N ALA A 211 -8.41 -8.04 -3.87
CA ALA A 211 -7.42 -7.52 -2.93
C ALA A 211 -6.15 -7.12 -3.65
N ASP A 212 -5.63 -7.98 -4.53
CA ASP A 212 -4.35 -7.64 -5.16
C ASP A 212 -4.52 -6.54 -6.18
N THR A 213 -5.69 -6.45 -6.79
CA THR A 213 -5.94 -5.35 -7.73
C THR A 213 -6.02 -4.02 -6.96
N CYS A 214 -6.67 -4.01 -5.80
CA CYS A 214 -6.65 -2.82 -4.94
C CYS A 214 -5.22 -2.46 -4.51
N TRP A 215 -4.42 -3.45 -4.13
CA TRP A 215 -3.03 -3.16 -3.81
C TRP A 215 -2.34 -2.49 -4.99
N ALA A 216 -2.47 -3.06 -6.19
CA ALA A 216 -1.86 -2.49 -7.38
C ALA A 216 -2.24 -1.01 -7.52
N ILE A 217 -3.53 -0.72 -7.38
CA ILE A 217 -4.01 0.66 -7.50
C ILE A 217 -3.50 1.55 -6.36
N SER A 218 -3.36 0.99 -5.16
CA SER A 218 -2.75 1.73 -4.05
C SER A 218 -1.31 2.07 -4.36
N TYR A 219 -0.59 1.20 -5.06
CA TYR A 219 0.79 1.54 -5.44
C TYR A 219 0.82 2.68 -6.44
N LEU A 220 -0.02 2.57 -7.46
CA LEU A 220 -0.03 3.54 -8.54
C LEU A 220 -0.45 4.94 -8.05
N THR A 221 -1.24 4.99 -6.98
CA THR A 221 -1.71 6.28 -6.43
C THR A 221 -0.76 6.82 -5.34
N ASP A 222 0.26 6.04 -5.02
CA ASP A 222 1.28 6.43 -4.05
C ASP A 222 2.37 7.16 -4.82
N GLY A 223 2.15 8.44 -5.06
CA GLY A 223 3.08 9.18 -5.88
C GLY A 223 2.55 10.56 -6.19
N PRO A 224 3.18 11.24 -7.14
CA PRO A 224 2.80 12.62 -7.45
C PRO A 224 1.42 12.70 -8.09
N ASN A 225 0.85 13.91 -8.09
CA ASN A 225 -0.51 14.12 -8.59
C ASN A 225 -0.74 13.58 -10.00
N GLU A 226 0.29 13.62 -10.84
CA GLU A 226 0.18 13.14 -12.21
C GLU A 226 -0.13 11.66 -12.24
N ARG A 227 0.49 10.90 -11.35
CA ARG A 227 0.24 9.49 -11.24
C ARG A 227 -1.16 9.21 -10.68
N ILE A 228 -1.55 9.97 -9.65
CA ILE A 228 -2.89 9.86 -9.10
C ILE A 228 -3.90 10.13 -10.21
N GLY A 229 -3.60 11.13 -11.03
CA GLY A 229 -4.49 11.59 -12.07
C GLY A 229 -4.75 10.51 -13.10
N MET A 230 -3.72 9.73 -13.43
CA MET A 230 -3.89 8.59 -14.33
C MET A 230 -4.95 7.63 -13.81
N VAL A 231 -4.94 7.36 -12.50
CA VAL A 231 -5.89 6.41 -11.91
C VAL A 231 -7.29 7.03 -11.89
N VAL A 232 -7.40 8.29 -11.45
CA VAL A 232 -8.69 8.91 -11.35
C VAL A 232 -9.43 9.00 -12.69
N LYS A 233 -8.66 9.23 -13.75
CA LYS A 233 -9.25 9.44 -15.07
C LYS A 233 -9.90 8.18 -15.65
N THR A 234 -9.57 7.02 -15.10
CA THR A 234 -10.18 5.77 -15.56
C THR A 234 -11.63 5.62 -15.10
N GLY A 235 -12.06 6.43 -14.14
CA GLY A 235 -13.42 6.37 -13.63
C GLY A 235 -13.60 5.26 -12.57
N VAL A 236 -12.49 4.75 -12.07
CA VAL A 236 -12.50 3.64 -11.13
C VAL A 236 -12.86 4.04 -9.68
N VAL A 237 -12.86 5.32 -9.37
CA VAL A 237 -13.01 5.68 -7.95
C VAL A 237 -14.35 5.23 -7.35
N PRO A 238 -15.46 5.35 -8.09
CA PRO A 238 -16.68 4.80 -7.49
C PRO A 238 -16.62 3.31 -7.13
N GLN A 239 -15.98 2.49 -7.97
CA GLN A 239 -15.82 1.08 -7.63
C GLN A 239 -14.90 0.89 -6.41
N LEU A 240 -13.83 1.66 -6.31
CA LEU A 240 -13.02 1.63 -5.10
C LEU A 240 -13.86 1.96 -3.85
N VAL A 241 -14.75 2.94 -3.97
CA VAL A 241 -15.59 3.30 -2.83
C VAL A 241 -16.54 2.15 -2.49
N LYS A 242 -17.01 1.44 -3.51
CA LYS A 242 -17.84 0.28 -3.27
C LYS A 242 -17.06 -0.75 -2.43
N LEU A 243 -15.80 -0.94 -2.78
CA LEU A 243 -14.96 -1.95 -2.12
C LEU A 243 -14.54 -1.53 -0.71
N LEU A 244 -14.52 -0.23 -0.50
CA LEU A 244 -14.29 0.37 0.80
C LEU A 244 -15.32 -0.10 1.82
N GLY A 245 -16.53 -0.39 1.35
CA GLY A 245 -17.59 -0.87 2.21
C GLY A 245 -17.69 -2.38 2.29
N ALA A 246 -16.72 -3.10 1.71
CA ALA A 246 -16.76 -4.56 1.74
C ALA A 246 -16.55 -5.06 3.17
N SER A 247 -16.93 -6.31 3.42
CA SER A 247 -16.81 -6.92 4.74
C SER A 247 -15.46 -7.60 4.89
N GLU A 248 -14.79 -7.88 3.78
CA GLU A 248 -13.49 -8.54 3.82
C GLU A 248 -12.38 -7.53 4.09
N LEU A 249 -11.75 -7.66 5.25
CA LEU A 249 -10.64 -6.79 5.62
C LEU A 249 -9.50 -6.76 4.59
N PRO A 250 -9.18 -7.91 3.97
CA PRO A 250 -8.12 -7.91 2.97
C PRO A 250 -8.44 -7.07 1.72
N ILE A 251 -9.70 -6.75 1.51
CA ILE A 251 -10.10 -5.86 0.43
C ILE A 251 -10.21 -4.42 0.93
N VAL A 252 -10.86 -4.22 2.08
CA VAL A 252 -11.01 -2.87 2.63
C VAL A 252 -9.66 -2.20 2.85
N THR A 253 -8.67 -2.97 3.32
CA THR A 253 -7.39 -2.41 3.71
C THR A 253 -6.72 -1.74 2.52
N PRO A 254 -6.50 -2.45 1.41
CA PRO A 254 -5.91 -1.76 0.26
C PRO A 254 -6.84 -0.76 -0.44
N ALA A 255 -8.15 -0.98 -0.41
CA ALA A 255 -9.07 -0.01 -1.00
C ALA A 255 -8.95 1.33 -0.25
N LEU A 256 -8.87 1.24 1.06
CA LEU A 256 -8.77 2.44 1.88
C LEU A 256 -7.43 3.10 1.65
N ARG A 257 -6.37 2.31 1.45
CA ARG A 257 -5.07 2.92 1.17
C ARG A 257 -5.10 3.69 -0.13
N ALA A 258 -5.72 3.12 -1.16
CA ALA A 258 -5.85 3.78 -2.45
C ALA A 258 -6.62 5.09 -2.35
N ILE A 259 -7.78 5.02 -1.68
CA ILE A 259 -8.58 6.23 -1.50
C ILE A 259 -7.80 7.27 -0.72
N GLY A 260 -7.10 6.84 0.32
CA GLY A 260 -6.30 7.75 1.12
C GLY A 260 -5.20 8.37 0.29
N ASN A 261 -4.61 7.56 -0.59
CA ASN A 261 -3.57 8.09 -1.48
C ASN A 261 -4.13 9.12 -2.46
N ILE A 262 -5.33 8.87 -3.01
CA ILE A 262 -5.89 9.82 -3.97
C ILE A 262 -6.16 11.18 -3.34
N VAL A 263 -6.62 11.20 -2.09
CA VAL A 263 -6.87 12.49 -1.45
C VAL A 263 -5.62 13.19 -0.94
N THR A 264 -4.44 12.62 -1.17
CA THR A 264 -3.22 13.40 -1.02
C THR A 264 -2.94 14.25 -2.26
N GLY A 265 -3.80 14.12 -3.26
CA GLY A 265 -3.62 14.79 -4.53
C GLY A 265 -4.26 16.18 -4.54
N THR A 266 -4.67 16.61 -5.72
CA THR A 266 -5.24 17.95 -5.88
C THR A 266 -6.63 18.06 -5.27
N ASP A 267 -7.14 19.27 -5.14
CA ASP A 267 -8.49 19.47 -4.65
C ASP A 267 -9.49 18.77 -5.57
N GLU A 268 -9.23 18.82 -6.87
CA GLU A 268 -10.11 18.21 -7.85
C GLU A 268 -10.11 16.70 -7.74
N GLN A 269 -8.93 16.13 -7.51
CA GLN A 269 -8.80 14.70 -7.34
C GLN A 269 -9.53 14.29 -6.06
N THR A 270 -9.42 15.10 -5.02
CA THR A 270 -10.10 14.82 -3.76
C THR A 270 -11.61 14.90 -3.96
N GLN A 271 -12.06 15.84 -4.78
CA GLN A 271 -13.48 15.98 -5.07
C GLN A 271 -14.04 14.73 -5.74
N VAL A 272 -13.22 14.05 -6.54
CA VAL A 272 -13.69 12.85 -7.22
C VAL A 272 -14.07 11.81 -6.19
N VAL A 273 -13.24 11.71 -5.14
CA VAL A 273 -13.50 10.79 -4.04
C VAL A 273 -14.77 11.15 -3.28
N ILE A 274 -14.95 12.44 -3.01
CA ILE A 274 -16.15 12.91 -2.33
C ILE A 274 -17.39 12.64 -3.21
N ASP A 275 -17.32 13.01 -4.48
CA ASP A 275 -18.45 12.81 -5.41
C ASP A 275 -18.83 11.35 -5.57
N ALA A 276 -17.86 10.46 -5.35
CA ALA A 276 -18.06 9.03 -5.45
C ALA A 276 -18.74 8.43 -4.21
N GLY A 277 -18.93 9.25 -3.19
CA GLY A 277 -19.70 8.86 -2.01
C GLY A 277 -18.87 8.27 -0.89
N ALA A 278 -17.57 8.53 -0.91
CA ALA A 278 -16.67 7.94 0.08
C ALA A 278 -17.03 8.32 1.50
N LEU A 279 -17.45 9.56 1.72
CA LEU A 279 -17.61 10.04 3.10
C LEU A 279 -18.68 9.26 3.86
N ALA A 280 -19.66 8.73 3.14
CA ALA A 280 -20.75 7.98 3.76
C ALA A 280 -20.24 6.70 4.41
N VAL A 281 -19.06 6.24 4.02
CA VAL A 281 -18.50 5.00 4.55
C VAL A 281 -17.68 5.26 5.81
N PHE A 282 -17.39 6.53 6.10
CA PHE A 282 -16.43 6.80 7.16
C PHE A 282 -16.95 6.64 8.59
N PRO A 283 -18.28 6.75 8.82
CA PRO A 283 -18.70 6.38 10.17
C PRO A 283 -18.33 4.95 10.53
N SER A 284 -18.40 4.04 9.58
CA SER A 284 -18.03 2.66 9.84
C SER A 284 -16.52 2.53 9.97
N LEU A 285 -15.80 3.19 9.09
CA LEU A 285 -14.34 3.06 9.09
C LEU A 285 -13.71 3.70 10.31
N LEU A 286 -14.25 4.83 10.74
CA LEU A 286 -13.66 5.55 11.88
C LEU A 286 -13.97 4.86 13.19
N THR A 287 -14.90 3.91 13.19
CA THR A 287 -15.20 3.10 14.36
C THR A 287 -14.88 1.66 14.17
N ASN A 288 -14.10 1.35 13.14
CA ASN A 288 -13.80 -0.04 12.83
C ASN A 288 -12.91 -0.64 13.93
N PRO A 289 -13.21 -1.86 14.41
CA PRO A 289 -12.41 -2.49 15.47
C PRO A 289 -10.94 -2.72 15.11
N LYS A 290 -10.60 -2.79 13.82
CA LYS A 290 -9.20 -2.77 13.45
C LYS A 290 -8.63 -1.36 13.64
N THR A 291 -7.68 -1.25 14.57
CA THR A 291 -7.10 0.06 14.86
C THR A 291 -6.38 0.57 13.62
N ASN A 292 -5.87 -0.34 12.79
CA ASN A 292 -5.22 0.04 11.55
C ASN A 292 -6.20 0.68 10.57
N ILE A 293 -7.39 0.13 10.47
CA ILE A 293 -8.42 0.75 9.62
C ILE A 293 -8.79 2.11 10.20
N GLN A 294 -9.00 2.18 11.50
CA GLN A 294 -9.32 3.46 12.12
C GLN A 294 -8.24 4.50 11.83
N LYS A 295 -6.98 4.09 11.97
CA LYS A 295 -5.87 5.01 11.78
C LYS A 295 -5.81 5.50 10.32
N GLU A 296 -5.90 4.58 9.38
CA GLU A 296 -5.82 4.97 7.98
C GLU A 296 -7.03 5.78 7.57
N ALA A 297 -8.18 5.49 8.15
CA ALA A 297 -9.37 6.29 7.85
C ALA A 297 -9.25 7.70 8.41
N THR A 298 -8.67 7.82 9.60
CA THR A 298 -8.47 9.15 10.17
C THR A 298 -7.40 9.93 9.36
N TRP A 299 -6.35 9.25 8.94
CA TRP A 299 -5.36 9.86 8.02
C TRP A 299 -6.06 10.38 6.76
N THR A 300 -6.90 9.55 6.17
CA THR A 300 -7.64 9.96 4.99
C THR A 300 -8.49 11.19 5.25
N MET A 301 -9.23 11.19 6.37
CA MET A 301 -10.03 12.34 6.76
CA MET A 301 -10.03 12.34 6.71
C MET A 301 -9.16 13.59 6.89
N SER A 302 -7.96 13.42 7.44
CA SER A 302 -7.09 14.59 7.65
C SER A 302 -6.69 15.23 6.32
N ASN A 303 -6.55 14.43 5.26
CA ASN A 303 -6.20 15.04 3.98
C ASN A 303 -7.41 15.62 3.28
N ILE A 304 -8.61 15.14 3.63
CA ILE A 304 -9.81 15.79 3.14
C ILE A 304 -10.04 17.10 3.89
N THR A 305 -9.77 17.18 5.20
CA THR A 305 -9.97 18.45 5.89
C THR A 305 -8.85 19.45 5.57
N ALA A 306 -7.83 18.99 4.82
CA ALA A 306 -6.82 19.86 4.22
C ALA A 306 -7.31 20.48 2.91
N GLY A 307 -8.55 20.18 2.56
CA GLY A 307 -9.07 20.64 1.28
C GLY A 307 -9.75 21.99 1.35
N ARG A 308 -10.57 22.25 0.33
CA ARG A 308 -11.34 23.49 0.24
C ARG A 308 -12.43 23.58 1.31
N GLN A 309 -12.93 24.79 1.56
CA GLN A 309 -13.97 24.95 2.57
C GLN A 309 -15.24 24.15 2.24
N ASP A 310 -15.53 23.97 0.95
CA ASP A 310 -16.72 23.20 0.60
C ASP A 310 -16.48 21.72 0.87
N GLN A 311 -15.23 21.30 0.84
CA GLN A 311 -14.90 19.92 1.12
C GLN A 311 -14.96 19.66 2.63
N ILE A 312 -14.45 20.60 3.41
CA ILE A 312 -14.68 20.55 4.84
C ILE A 312 -16.18 20.49 5.13
N GLN A 313 -16.96 21.28 4.41
CA GLN A 313 -18.39 21.32 4.68
C GLN A 313 -19.04 19.95 4.42
N GLN A 314 -18.55 19.22 3.42
CA GLN A 314 -19.04 17.88 3.18
C GLN A 314 -18.73 16.93 4.34
N VAL A 315 -17.55 17.09 4.92
CA VAL A 315 -17.19 16.34 6.11
C VAL A 315 -18.19 16.66 7.22
N VAL A 316 -18.48 17.94 7.41
CA VAL A 316 -19.47 18.37 8.41
C VAL A 316 -20.83 17.77 8.11
N ASN A 317 -21.26 17.85 6.85
CA ASN A 317 -22.62 17.48 6.50
C ASN A 317 -22.87 15.98 6.65
N HIS A 318 -21.81 15.20 6.52
CA HIS A 318 -21.89 13.76 6.70
C HIS A 318 -21.83 13.33 8.16
N GLY A 319 -21.85 14.30 9.08
CA GLY A 319 -21.86 14.03 10.50
C GLY A 319 -20.55 13.48 11.06
N LEU A 320 -19.45 13.77 10.38
CA LEU A 320 -18.18 13.14 10.72
C LEU A 320 -17.41 13.88 11.82
N VAL A 321 -17.76 15.11 12.12
CA VAL A 321 -16.95 15.82 13.11
C VAL A 321 -17.09 15.14 14.50
N PRO A 322 -18.31 14.79 14.93
CA PRO A 322 -18.37 14.04 16.19
C PRO A 322 -17.56 12.74 16.18
N PHE A 323 -17.40 12.11 15.01
CA PHE A 323 -16.58 10.89 14.96
C PHE A 323 -15.12 11.26 15.16
N LEU A 324 -14.72 12.41 14.64
CA LEU A 324 -13.34 12.85 14.79
C LEU A 324 -13.02 13.23 16.22
N VAL A 325 -13.97 13.87 16.90
CA VAL A 325 -13.82 14.18 18.32
C VAL A 325 -13.67 12.89 19.13
N SER A 326 -14.48 11.89 18.80
CA SER A 326 -14.43 10.65 19.54
C SER A 326 -13.09 9.93 19.36
N VAL A 327 -12.57 9.91 18.13
CA VAL A 327 -11.27 9.27 17.88
C VAL A 327 -10.17 10.04 18.63
N LEU A 328 -10.23 11.37 18.56
CA LEU A 328 -9.26 12.19 19.27
C LEU A 328 -9.27 11.92 20.76
N SER A 329 -10.46 11.68 21.30
CA SER A 329 -10.63 11.43 22.72
C SER A 329 -10.22 10.04 23.17
N LYS A 330 -10.57 9.03 22.37
CA LYS A 330 -10.60 7.63 22.84
C LYS A 330 -9.68 6.64 22.14
N ALA A 331 -9.23 6.96 20.94
CA ALA A 331 -8.47 6.01 20.15
C ALA A 331 -7.06 5.81 20.69
N ASP A 332 -6.37 4.82 20.15
CA ASP A 332 -4.96 4.60 20.42
C ASP A 332 -4.15 5.79 19.96
N PHE A 333 -2.95 5.97 20.51
CA PHE A 333 -2.21 7.21 20.26
C PHE A 333 -1.85 7.41 18.79
N LYS A 334 -1.48 6.35 18.05
CA LYS A 334 -1.16 6.54 16.65
C LYS A 334 -2.36 7.06 15.87
N THR A 335 -3.56 6.62 16.26
CA THR A 335 -4.76 7.12 15.61
C THR A 335 -5.08 8.54 16.08
N GLN A 336 -4.88 8.81 17.37
CA GLN A 336 -5.06 10.16 17.89
C GLN A 336 -4.17 11.16 17.16
N LYS A 337 -2.96 10.75 16.80
CA LYS A 337 -2.07 11.63 16.06
C LYS A 337 -2.69 12.03 14.73
N GLU A 338 -3.30 11.09 14.01
CA GLU A 338 -3.97 11.41 12.77
C GLU A 338 -5.14 12.35 13.01
N ALA A 339 -5.85 12.16 14.13
CA ALA A 339 -6.98 13.02 14.44
C ALA A 339 -6.53 14.46 14.73
N VAL A 340 -5.41 14.62 15.41
CA VAL A 340 -4.83 15.95 15.61
C VAL A 340 -4.58 16.64 14.28
N TRP A 341 -3.99 15.91 13.33
CA TRP A 341 -3.79 16.48 12.00
C TRP A 341 -5.12 16.85 11.34
N ALA A 342 -6.13 16.01 11.49
CA ALA A 342 -7.41 16.30 10.84
C ALA A 342 -7.98 17.60 11.41
N VAL A 343 -7.85 17.77 12.72
CA VAL A 343 -8.29 18.99 13.39
C VAL A 343 -7.53 20.21 12.97
N THR A 344 -6.21 20.12 12.94
CA THR A 344 -5.42 21.28 12.58
C THR A 344 -5.67 21.68 11.14
N ASN A 345 -5.81 20.71 10.26
CA ASN A 345 -6.11 21.04 8.86
C ASN A 345 -7.47 21.69 8.72
N TYR A 346 -8.46 21.14 9.41
CA TYR A 346 -9.81 21.72 9.46
C TYR A 346 -9.74 23.17 9.92
N THR A 347 -9.01 23.44 11.00
CA THR A 347 -8.97 24.77 11.55
C THR A 347 -8.14 25.72 10.71
N SER A 348 -7.18 25.19 9.93
CA SER A 348 -6.36 26.05 9.09
CA SER A 348 -6.35 26.02 9.06
C SER A 348 -7.15 26.53 7.86
N GLY A 349 -7.93 25.64 7.27
CA GLY A 349 -8.68 25.95 6.06
C GLY A 349 -10.15 26.32 6.25
N GLY A 350 -10.70 26.08 7.43
CA GLY A 350 -12.13 26.23 7.62
C GLY A 350 -12.62 27.67 7.78
N THR A 351 -13.90 27.86 7.56
CA THR A 351 -14.52 29.13 7.84
C THR A 351 -14.70 29.30 9.34
N VAL A 352 -14.95 30.53 9.75
CA VAL A 352 -15.24 30.79 11.17
C VAL A 352 -16.43 29.92 11.63
N GLU A 353 -17.51 29.90 10.85
CA GLU A 353 -18.66 29.06 11.21
C GLU A 353 -18.29 27.59 11.39
N GLN A 354 -17.48 27.06 10.47
CA GLN A 354 -17.04 25.69 10.60
C GLN A 354 -16.26 25.47 11.87
N ILE A 355 -15.43 26.44 12.25
CA ILE A 355 -14.59 26.31 13.42
C ILE A 355 -15.45 26.42 14.69
N VAL A 356 -16.43 27.33 14.67
CA VAL A 356 -17.38 27.41 15.77
C VAL A 356 -18.09 26.07 15.99
N TYR A 357 -18.48 25.41 14.90
CA TYR A 357 -19.16 24.11 14.99
C TYR A 357 -18.22 23.05 15.61
N LEU A 358 -16.97 23.09 15.18
CA LEU A 358 -15.95 22.18 15.68
C LEU A 358 -15.79 22.31 17.20
N VAL A 359 -15.74 23.54 17.70
CA VAL A 359 -15.65 23.78 19.13
C VAL A 359 -16.94 23.33 19.82
N HIS A 360 -18.07 23.56 19.18
CA HIS A 360 -19.34 23.17 19.76
C HIS A 360 -19.43 21.65 19.88
N CYS A 361 -18.73 20.94 19.02
CA CYS A 361 -18.69 19.47 19.07
C CYS A 361 -17.75 18.94 20.16
N GLY A 362 -17.05 19.84 20.84
CA GLY A 362 -16.26 19.48 22.01
C GLY A 362 -14.80 19.17 21.70
N ILE A 363 -14.23 19.84 20.71
CA ILE A 363 -12.85 19.56 20.33
C ILE A 363 -11.80 20.03 21.35
N ILE A 364 -12.10 21.04 22.16
CA ILE A 364 -11.04 21.72 22.92
C ILE A 364 -10.45 20.80 23.99
N GLU A 365 -11.29 20.14 24.78
CA GLU A 365 -10.76 19.36 25.90
C GLU A 365 -9.90 18.17 25.45
N PRO A 366 -10.38 17.37 24.48
CA PRO A 366 -9.51 16.26 24.07
C PRO A 366 -8.24 16.72 23.34
N LEU A 367 -8.31 17.88 22.70
CA LEU A 367 -7.15 18.46 22.06
C LEU A 367 -6.14 18.86 23.14
N MET A 368 -6.61 19.58 24.15
CA MET A 368 -5.75 20.04 25.23
C MET A 368 -5.11 18.85 25.95
N ASN A 369 -5.86 17.75 26.07
CA ASN A 369 -5.40 16.63 26.85
C ASN A 369 -4.18 15.96 26.24
N LEU A 370 -4.01 16.13 24.93
CA LEU A 370 -2.86 15.55 24.24
C LEU A 370 -1.62 16.43 24.33
N LEU A 371 -1.72 17.59 24.98
CA LEU A 371 -0.51 18.40 25.18
C LEU A 371 0.47 17.82 26.17
N THR A 372 0.07 16.74 26.85
CA THR A 372 0.98 16.02 27.72
C THR A 372 1.75 14.95 26.96
N ALA A 373 1.43 14.76 25.68
CA ALA A 373 2.04 13.69 24.88
C ALA A 373 3.56 13.86 24.76
N LYS A 374 4.27 12.74 24.76
CA LYS A 374 5.73 12.74 24.62
C LYS A 374 6.10 12.58 23.15
N ASP A 375 5.51 13.43 22.33
CA ASP A 375 5.74 13.46 20.89
C ASP A 375 5.76 14.94 20.52
N THR A 376 6.96 15.47 20.32
CA THR A 376 7.11 16.91 20.11
C THR A 376 6.33 17.42 18.90
N LYS A 377 6.34 16.66 17.82
CA LYS A 377 5.70 17.11 16.59
C LYS A 377 4.20 17.30 16.81
N ILE A 378 3.59 16.34 17.48
CA ILE A 378 2.16 16.44 17.75
C ILE A 378 1.84 17.61 18.66
N ILE A 379 2.70 17.92 19.61
CA ILE A 379 2.48 19.10 20.43
C ILE A 379 2.43 20.34 19.55
N LEU A 380 3.36 20.42 18.61
CA LEU A 380 3.43 21.59 17.74
C LEU A 380 2.18 21.68 16.86
N VAL A 381 1.70 20.55 16.36
CA VAL A 381 0.49 20.55 15.54
C VAL A 381 -0.71 21.02 16.36
N ILE A 382 -0.82 20.55 17.60
CA ILE A 382 -1.90 20.99 18.47
C ILE A 382 -1.83 22.50 18.73
N LEU A 383 -0.63 23.01 19.01
CA LEU A 383 -0.53 24.44 19.24
C LEU A 383 -0.92 25.23 18.00
N ASP A 384 -0.63 24.69 16.80
CA ASP A 384 -1.08 25.32 15.55
C ASP A 384 -2.59 25.37 15.56
N ALA A 385 -3.25 24.28 15.92
CA ALA A 385 -4.71 24.22 15.90
C ALA A 385 -5.30 25.27 16.87
N ILE A 386 -4.70 25.39 18.03
CA ILE A 386 -5.19 26.33 19.03
C ILE A 386 -5.04 27.74 18.50
N SER A 387 -3.90 28.02 17.87
CA SER A 387 -3.69 29.33 17.27
C SER A 387 -4.75 29.60 16.21
N ASN A 388 -5.03 28.60 15.37
CA ASN A 388 -6.01 28.72 14.32
C ASN A 388 -7.40 28.99 14.88
N ILE A 389 -7.76 28.33 15.98
CA ILE A 389 -9.07 28.53 16.59
C ILE A 389 -9.17 29.95 17.17
N PHE A 390 -8.11 30.43 17.80
CA PHE A 390 -8.08 31.82 18.30
C PHE A 390 -8.20 32.83 17.17
N GLN A 391 -7.65 32.53 15.99
CA GLN A 391 -7.80 33.45 14.87
C GLN A 391 -9.27 33.58 14.45
N ALA A 392 -10.01 32.49 14.55
CA ALA A 392 -11.44 32.55 14.26
C ALA A 392 -12.12 33.34 15.38
N ALA A 393 -11.75 33.05 16.62
CA ALA A 393 -12.28 33.81 17.76
C ALA A 393 -12.05 35.32 17.61
N GLU A 394 -10.89 35.72 17.10
CA GLU A 394 -10.58 37.14 16.88
C GLU A 394 -11.58 37.81 15.93
N LYS A 395 -11.88 37.15 14.81
CA LYS A 395 -12.82 37.68 13.85
C LYS A 395 -14.20 37.89 14.48
N LEU A 396 -14.50 37.11 15.51
CA LEU A 396 -15.78 37.13 16.19
C LEU A 396 -15.77 38.08 17.41
N GLY A 397 -14.58 38.54 17.79
CA GLY A 397 -14.44 39.29 19.03
C GLY A 397 -14.67 38.44 20.25
N GLU A 398 -14.34 37.15 20.18
CA GLU A 398 -14.56 36.24 21.30
C GLU A 398 -13.27 35.58 21.78
N THR A 399 -12.14 36.25 21.61
CA THR A 399 -10.89 35.64 22.09
C THR A 399 -10.95 35.44 23.59
N GLU A 400 -11.55 36.38 24.32
CA GLU A 400 -11.58 36.22 25.78
C GLU A 400 -12.44 35.02 26.20
N LYS A 401 -13.59 34.83 25.56
CA LYS A 401 -14.44 33.69 25.85
C LYS A 401 -13.69 32.38 25.62
N LEU A 402 -12.92 32.32 24.54
CA LEU A 402 -12.17 31.10 24.22
C LEU A 402 -11.08 30.89 25.27
N SER A 403 -10.40 31.95 25.65
CA SER A 403 -9.31 31.80 26.62
C SER A 403 -9.87 31.31 27.96
N ILE A 404 -11.02 31.83 28.36
CA ILE A 404 -11.65 31.37 29.60
C ILE A 404 -12.00 29.88 29.53
N MET A 405 -12.56 29.43 28.40
CA MET A 405 -12.89 28.03 28.18
CA MET A 405 -12.90 28.03 28.19
C MET A 405 -11.67 27.14 28.34
N ILE A 406 -10.56 27.59 27.75
CA ILE A 406 -9.31 26.84 27.81
C ILE A 406 -8.75 26.80 29.24
N GLU A 407 -8.88 27.90 29.99
CA GLU A 407 -8.50 27.91 31.40
C GLU A 407 -9.34 26.94 32.21
N GLU A 408 -10.64 26.91 31.92
CA GLU A 408 -11.59 26.22 32.77
C GLU A 408 -11.54 24.70 32.64
N CYS A 409 -10.93 24.23 31.55
CA CYS A 409 -10.71 22.79 31.39
C CYS A 409 -9.26 22.39 31.66
N GLY A 410 -8.48 23.30 32.25
CA GLY A 410 -7.09 23.00 32.58
C GLY A 410 -6.15 23.10 31.39
N GLY A 411 -6.66 23.59 30.25
CA GLY A 411 -5.83 23.74 29.07
C GLY A 411 -4.68 24.72 29.23
N LEU A 412 -4.92 25.83 29.92
CA LEU A 412 -3.87 26.82 30.07
C LEU A 412 -2.75 26.25 30.94
N ASP A 413 -3.10 25.49 31.97
CA ASP A 413 -2.09 24.86 32.82
C ASP A 413 -1.17 24.01 31.93
N LYS A 414 -1.74 23.31 30.95
CA LYS A 414 -0.94 22.43 30.08
C LYS A 414 -0.09 23.23 29.09
N ILE A 415 -0.60 24.37 28.63
CA ILE A 415 0.18 25.26 27.77
C ILE A 415 1.33 25.88 28.55
N GLU A 416 1.05 26.33 29.77
CA GLU A 416 2.07 26.91 30.64
C GLU A 416 3.19 25.93 30.90
N ALA A 417 2.81 24.66 31.03
CA ALA A 417 3.76 23.60 31.35
C ALA A 417 4.78 23.44 30.24
N LEU A 418 4.38 23.78 29.01
CA LEU A 418 5.24 23.61 27.84
C LEU A 418 6.37 24.63 27.80
N GLN A 419 6.31 25.64 28.65
CA GLN A 419 7.43 26.58 28.72
C GLN A 419 8.68 25.93 29.28
N ASN A 420 8.51 24.72 29.81
CA ASN A 420 9.65 23.94 30.26
C ASN A 420 10.09 22.90 29.23
N HIS A 421 9.50 22.91 28.03
CA HIS A 421 9.81 21.89 27.02
C HIS A 421 11.21 22.07 26.42
N GLU A 422 11.88 20.95 26.17
CA GLU A 422 13.19 20.94 25.51
C GLU A 422 13.20 21.64 24.16
N ASN A 423 12.14 21.46 23.38
CA ASN A 423 12.10 21.97 22.01
C ASN A 423 11.78 23.47 21.97
N GLU A 424 12.64 24.22 21.29
CA GLU A 424 12.50 25.67 21.26
C GLU A 424 11.22 26.14 20.55
N SER A 425 10.79 25.43 19.51
CA SER A 425 9.58 25.84 18.81
C SER A 425 8.39 25.69 19.73
N VAL A 426 8.39 24.64 20.54
CA VAL A 426 7.31 24.41 21.50
C VAL A 426 7.30 25.53 22.54
N TYR A 427 8.48 25.89 23.02
CA TYR A 427 8.61 26.97 24.01
C TYR A 427 8.07 28.28 23.44
N LYS A 428 8.50 28.60 22.22
CA LYS A 428 8.12 29.85 21.58
C LYS A 428 6.65 29.89 21.22
N ALA A 429 6.11 28.76 20.78
CA ALA A 429 4.71 28.71 20.39
C ALA A 429 3.81 28.85 21.61
N SER A 430 4.17 28.17 22.69
CA SER A 430 3.35 28.22 23.90
C SER A 430 3.44 29.62 24.51
N LEU A 431 4.64 30.19 24.50
CA LEU A 431 4.85 31.54 25.02
C LEU A 431 3.98 32.55 24.26
N SER A 432 3.96 32.41 22.95
CA SER A 432 3.17 33.30 22.09
C SER A 432 1.70 33.28 22.43
N LEU A 433 1.13 32.08 22.56
CA LEU A 433 -0.27 31.96 22.91
C LEU A 433 -0.56 32.60 24.25
N ILE A 434 0.36 32.42 25.20
CA ILE A 434 0.16 32.98 26.54
C ILE A 434 0.20 34.49 26.50
N GLU A 435 1.19 35.05 25.80
CA GLU A 435 1.33 36.48 25.68
C GLU A 435 0.13 37.10 24.96
N LYS A 436 -0.29 36.50 23.86
CA LYS A 436 -1.39 37.05 23.09
C LYS A 436 -2.73 36.94 23.80
N TYR A 437 -3.03 35.77 24.36
CA TYR A 437 -4.38 35.49 24.83
C TYR A 437 -4.58 35.21 26.31
N PHE A 438 -3.50 35.07 27.08
CA PHE A 438 -3.66 34.73 28.50
C PHE A 438 -2.85 35.66 29.39
N SER A 439 -2.71 36.90 28.95
CA SER A 439 -2.00 37.93 29.69
C SER A 439 -2.93 39.09 29.96
N PRO B 1 1.29 -10.93 -0.62
CA PRO B 1 2.66 -10.70 -0.18
C PRO B 1 3.58 -10.32 -1.33
N VAL B 2 4.76 -9.80 -1.02
CA VAL B 2 5.67 -9.27 -2.03
C VAL B 2 6.31 -10.39 -2.83
N LYS B 3 6.84 -11.39 -2.12
CA LYS B 3 7.37 -12.59 -2.75
C LYS B 3 6.72 -13.79 -2.11
N LYS B 4 6.69 -14.88 -2.85
CA LYS B 4 5.92 -16.04 -2.45
C LYS B 4 6.54 -17.30 -3.06
N PRO B 5 6.91 -18.28 -2.23
CA PRO B 5 7.37 -19.54 -2.82
C PRO B 5 6.17 -20.43 -3.15
N LYS B 6 6.36 -21.31 -4.13
CA LYS B 6 5.37 -22.34 -4.43
C LYS B 6 5.71 -23.58 -3.63
N ILE B 7 4.78 -23.99 -2.77
CA ILE B 7 4.97 -25.16 -1.93
C ILE B 7 3.78 -26.09 -2.12
N ARG B 8 3.96 -27.38 -1.86
CA ARG B 8 2.83 -28.30 -1.85
C ARG B 8 1.94 -27.94 -0.64
N ARG B 9 0.77 -28.56 -0.56
CA ARG B 9 -0.13 -28.30 0.55
C ARG B 9 0.47 -28.69 1.90
N LYS C 10 -1.28 18.56 2.27
CA LYS C 10 -1.54 17.12 2.25
C LYS C 10 -0.33 16.34 2.80
N LYS C 11 -0.60 15.20 3.42
CA LYS C 11 0.43 14.37 4.06
C LYS C 11 0.52 12.98 3.45
N SER C 12 1.66 12.72 2.78
CA SER C 12 2.20 11.39 2.44
C SER C 12 2.78 11.40 1.02
#